data_7DPR
#
_entry.id   7DPR
#
_cell.length_a   60.973
_cell.length_b   67.389
_cell.length_c   102.365
_cell.angle_alpha   90.00
_cell.angle_beta   90.00
_cell.angle_gamma   90.00
#
_symmetry.space_group_name_H-M   'P 21 21 21'
#
loop_
_entity.id
_entity.type
_entity.pdbx_description
1 polymer 'DNA gyrase subunit B'
2 non-polymer 'methyl 3,4-bis(oxidanyl)benzoate'
3 non-polymer 1H-benzimidazol-2-amine
4 non-polymer 'PHOSPHATE ION'
5 water water
#
_entity_poly.entity_id   1
_entity_poly.type   'polypeptide(L)'
_entity_poly.pdbx_seq_one_letter_code
;LDAVRKRPGMYIGDTDDGTGLHHMVFEVVDNAIDEALAGHCKEIIVTIHADNSVSVQDDGRGIPTGIHPEEGVSAAEVIM
TVLHAGGKFDDNSYKVSGGLHGVGVSVVNALSQKLELVIQREGKIHRQIYEHGVPQAPLAVTGETEKTGTMVRFWPSLET
FTNVTEFEYEILAKRLRELSFLNSGVSIRLRDKRDGKEDHFHYEGG
;
_entity_poly.pdbx_strand_id   A,B
#
# COMPACT_ATOMS: atom_id res chain seq x y z
N LEU A 1 5.08 -5.82 4.29
CA LEU A 1 4.98 -4.48 4.97
C LEU A 1 3.61 -4.01 5.47
N ASP A 2 2.54 -4.73 5.14
CA ASP A 2 1.19 -4.32 5.55
C ASP A 2 0.98 -4.16 7.06
N ALA A 3 1.70 -4.92 7.88
CA ALA A 3 1.63 -4.73 9.35
C ALA A 3 2.07 -3.32 9.76
N VAL A 4 3.07 -2.79 9.07
CA VAL A 4 3.57 -1.43 9.30
C VAL A 4 2.57 -0.38 8.81
N ARG A 5 2.05 -0.60 7.59
CA ARG A 5 1.09 0.33 6.99
C ARG A 5 -0.19 0.42 7.82
N LYS A 6 -0.54 -0.70 8.43
CA LYS A 6 -1.74 -0.84 9.24
C LYS A 6 -1.70 -0.05 10.56
N ARG A 7 -0.54 -0.04 11.21
CA ARG A 7 -0.34 0.63 12.49
C ARG A 7 0.98 1.39 12.48
N PRO A 8 1.09 2.44 11.65
CA PRO A 8 2.36 3.17 11.46
C PRO A 8 2.93 3.68 12.77
N GLY A 9 2.05 4.25 13.59
CA GLY A 9 2.39 4.76 14.92
C GLY A 9 3.13 3.80 15.82
N MET A 10 2.79 2.52 15.75
CA MET A 10 3.44 1.50 16.57
C MET A 10 4.85 1.13 16.12
N TYR A 11 5.19 1.49 14.88
CA TYR A 11 6.52 1.21 14.35
C TYR A 11 7.43 2.41 14.35
N ILE A 12 6.90 3.57 13.97
CA ILE A 12 7.73 4.75 13.82
C ILE A 12 7.56 5.82 14.90
N GLY A 13 6.42 5.82 15.57
CA GLY A 13 6.12 6.84 16.56
C GLY A 13 4.96 7.68 16.09
N ASP A 14 4.51 8.59 16.96
CA ASP A 14 3.33 9.41 16.70
C ASP A 14 3.39 10.13 15.36
N THR A 15 2.40 9.84 14.53
CA THR A 15 2.35 10.34 13.16
C THR A 15 1.66 11.71 13.04
N ASP A 16 1.24 12.30 14.15
CA ASP A 16 0.59 13.61 14.12
C ASP A 16 1.38 14.74 14.81
N ASP A 17 2.25 14.43 15.78
CA ASP A 17 3.01 15.49 16.48
C ASP A 17 4.46 15.73 15.99
N GLY A 18 4.82 15.16 14.84
CA GLY A 18 6.17 15.31 14.29
C GLY A 18 7.21 14.31 14.77
N THR A 19 6.86 13.54 15.80
CA THR A 19 7.75 12.55 16.39
C THR A 19 8.12 11.48 15.37
N GLY A 20 7.10 10.79 14.85
CA GLY A 20 7.30 9.74 13.86
C GLY A 20 8.02 10.24 12.61
N LEU A 21 7.62 11.43 12.16
CA LEU A 21 8.22 12.05 10.99
C LEU A 21 9.72 12.14 11.10
N HIS A 22 10.20 12.65 12.22
CA HIS A 22 11.63 12.78 12.44
C HIS A 22 12.34 11.46 12.68
N HIS A 23 11.66 10.53 13.31
CA HIS A 23 12.20 9.19 13.50
C HIS A 23 12.51 8.49 12.18
N MET A 24 11.78 8.85 11.12
CA MET A 24 12.03 8.31 9.78
C MET A 24 13.47 8.57 9.37
N VAL A 25 13.88 9.82 9.54
CA VAL A 25 15.24 10.24 9.25
C VAL A 25 16.22 9.46 10.11
N PHE A 26 15.95 9.36 11.41
CA PHE A 26 16.91 8.73 12.31
C PHE A 26 17.11 7.25 12.05
N GLU A 27 16.09 6.57 11.56
CA GLU A 27 16.22 5.17 11.20
C GLU A 27 17.19 4.99 10.04
N VAL A 28 17.04 5.86 9.04
CA VAL A 28 17.90 5.80 7.87
C VAL A 28 19.32 6.11 8.30
N VAL A 29 19.47 7.15 9.12
CA VAL A 29 20.77 7.58 9.62
C VAL A 29 21.52 6.46 10.35
N ASP A 30 20.80 5.64 11.13
CA ASP A 30 21.42 4.50 11.81
C ASP A 30 22.11 3.55 10.85
N ASN A 31 21.43 3.25 9.75
CA ASN A 31 21.96 2.37 8.73
C ASN A 31 23.14 3.02 8.03
N ALA A 32 23.02 4.30 7.74
CA ALA A 32 24.09 5.06 7.09
C ALA A 32 25.36 5.13 7.93
N ILE A 33 25.19 5.32 9.23
CA ILE A 33 26.31 5.34 10.16
C ILE A 33 27.02 3.99 10.19
N ASP A 34 26.24 2.91 10.30
CA ASP A 34 26.82 1.57 10.25
C ASP A 34 27.64 1.38 9.00
N GLU A 35 27.12 1.83 7.87
CA GLU A 35 27.80 1.72 6.62
C GLU A 35 29.04 2.58 6.58
N ALA A 36 28.95 3.78 7.11
CA ALA A 36 30.09 4.66 7.09
C ALA A 36 31.22 4.15 7.95
N LEU A 37 30.87 3.52 9.04
CA LEU A 37 31.83 2.98 9.99
C LEU A 37 32.68 1.87 9.41
N ALA A 38 32.14 1.19 8.42
CA ALA A 38 32.85 0.11 7.79
C ALA A 38 33.68 0.57 6.64
N GLY A 39 33.69 1.85 6.35
CA GLY A 39 34.47 2.38 5.25
C GLY A 39 35.72 3.12 5.63
N HIS A 40 36.33 3.77 4.68
CA HIS A 40 37.54 4.48 4.98
C HIS A 40 37.32 5.94 5.25
N CYS A 41 36.47 6.60 4.50
CA CYS A 41 36.39 8.04 4.71
C CYS A 41 35.48 8.49 5.89
N LYS A 42 34.55 7.63 6.26
CA LYS A 42 33.62 7.78 7.36
C LYS A 42 32.81 9.04 7.38
N GLU A 43 32.04 9.28 6.33
CA GLU A 43 31.22 10.47 6.32
C GLU A 43 29.83 10.15 5.82
N ILE A 44 28.83 10.70 6.51
CA ILE A 44 27.45 10.67 6.04
C ILE A 44 27.00 12.11 5.82
N ILE A 45 26.11 12.32 4.87
CA ILE A 45 25.53 13.64 4.62
C ILE A 45 24.03 13.51 4.64
N VAL A 46 23.41 14.30 5.51
CA VAL A 46 21.96 14.35 5.62
C VAL A 46 21.48 15.67 5.05
N THR A 47 20.60 15.60 4.06
CA THR A 47 20.13 16.79 3.36
C THR A 47 18.61 16.88 3.42
N ILE A 48 18.11 18.04 3.86
CA ILE A 48 16.69 18.32 3.80
C ILE A 48 16.48 19.05 2.50
N HIS A 49 15.69 18.49 1.61
CA HIS A 49 15.47 19.10 0.32
C HIS A 49 14.28 20.03 0.36
N ALA A 50 14.19 20.88 -0.65
CA ALA A 50 13.15 21.91 -0.70
C ALA A 50 11.73 21.36 -0.91
N ASP A 51 11.63 20.15 -1.45
CA ASP A 51 10.35 19.48 -1.69
C ASP A 51 9.95 18.57 -0.53
N ASN A 52 10.57 18.82 0.62
CA ASN A 52 10.25 18.17 1.86
C ASN A 52 10.69 16.71 1.97
N SER A 53 11.61 16.29 1.11
CA SER A 53 12.19 14.97 1.24
C SER A 53 13.51 15.10 1.98
N VAL A 54 14.03 13.98 2.45
CA VAL A 54 15.34 13.92 3.09
C VAL A 54 16.17 12.83 2.43
N SER A 55 17.44 13.15 2.14
CA SER A 55 18.39 12.17 1.63
C SER A 55 19.50 11.96 2.65
N VAL A 56 19.97 10.72 2.75
CA VAL A 56 21.06 10.35 3.63
C VAL A 56 22.01 9.55 2.77
N GLN A 57 23.26 9.98 2.71
CA GLN A 57 24.27 9.26 1.93
C GLN A 57 25.47 8.96 2.77
N ASP A 58 26.11 7.83 2.49
CA ASP A 58 27.37 7.47 3.11
C ASP A 58 28.38 7.17 2.03
N ASP A 59 29.65 7.19 2.42
CA ASP A 59 30.75 6.88 1.51
C ASP A 59 31.34 5.50 1.81
N GLY A 60 30.53 4.64 2.35
CA GLY A 60 30.93 3.31 2.70
C GLY A 60 31.04 2.34 1.53
N ARG A 61 30.96 1.06 1.79
CA ARG A 61 31.18 0.08 0.78
C ARG A 61 30.04 -0.18 -0.16
N GLY A 62 28.87 0.33 0.14
CA GLY A 62 27.69 0.06 -0.64
C GLY A 62 26.96 -1.16 -0.08
N ILE A 63 25.68 -1.04 0.20
CA ILE A 63 24.95 -2.18 0.72
C ILE A 63 24.85 -3.29 -0.34
N PRO A 64 24.77 -4.56 0.09
CA PRO A 64 24.82 -5.69 -0.84
C PRO A 64 23.72 -5.64 -1.90
N THR A 65 24.09 -6.02 -3.12
CA THR A 65 23.20 -5.92 -4.27
C THR A 65 22.81 -7.25 -4.90
N GLY A 66 23.59 -8.30 -4.66
CA GLY A 66 23.33 -9.61 -5.24
C GLY A 66 22.01 -10.22 -4.83
N ILE A 67 21.54 -11.16 -5.64
CA ILE A 67 20.24 -11.79 -5.40
C ILE A 67 20.30 -12.59 -4.10
N HIS A 68 19.32 -12.36 -3.23
CA HIS A 68 19.18 -13.11 -1.99
C HIS A 68 18.81 -14.55 -2.36
N PRO A 69 19.63 -15.53 -1.93
CA PRO A 69 19.40 -16.92 -2.31
C PRO A 69 18.02 -17.46 -2.01
N GLU A 70 17.44 -17.10 -0.88
CA GLU A 70 16.13 -17.62 -0.53
C GLU A 70 14.95 -16.75 -0.99
N GLU A 71 15.09 -15.44 -0.88
CA GLU A 71 14.01 -14.52 -1.23
C GLU A 71 13.87 -14.31 -2.73
N GLY A 72 14.95 -14.50 -3.48
CA GLY A 72 14.91 -14.42 -4.94
C GLY A 72 14.88 -13.02 -5.53
N VAL A 73 15.17 -12.02 -4.72
CA VAL A 73 15.32 -10.64 -5.19
C VAL A 73 16.63 -10.12 -4.61
N SER A 74 17.06 -8.95 -5.06
CA SER A 74 18.30 -8.34 -4.55
C SER A 74 18.28 -8.20 -3.04
N ALA A 75 19.46 -8.34 -2.44
CA ALA A 75 19.60 -8.21 -0.99
C ALA A 75 19.09 -6.86 -0.48
N ALA A 76 19.32 -5.80 -1.24
CA ALA A 76 18.84 -4.46 -0.93
C ALA A 76 17.31 -4.44 -0.87
N GLU A 77 16.67 -5.08 -1.85
CA GLU A 77 15.21 -5.13 -1.85
C GLU A 77 14.67 -5.89 -0.65
N VAL A 78 15.34 -6.97 -0.27
CA VAL A 78 14.97 -7.73 0.91
C VAL A 78 14.98 -6.83 2.14
N ILE A 79 16.05 -6.05 2.29
CA ILE A 79 16.18 -5.16 3.44
C ILE A 79 15.11 -4.06 3.42
N MET A 80 14.76 -3.60 2.22
CA MET A 80 13.76 -2.55 2.05
C MET A 80 12.31 -3.00 2.22
N THR A 81 12.05 -4.29 2.09
CA THR A 81 10.66 -4.79 2.07
C THR A 81 10.29 -5.88 3.07
N VAL A 82 11.26 -6.31 3.89
CA VAL A 82 11.01 -7.38 4.85
C VAL A 82 11.28 -6.82 6.23
N LEU A 83 10.36 -7.09 7.16
CA LEU A 83 10.54 -6.64 8.53
C LEU A 83 11.67 -7.38 9.20
N GLY A 102 16.60 -1.19 16.83
CA GLY A 102 16.06 -0.43 15.69
C GLY A 102 14.98 -1.18 14.92
N VAL A 103 14.07 -0.42 14.31
CA VAL A 103 12.92 -1.00 13.58
C VAL A 103 13.24 -1.45 12.15
N GLY A 104 14.26 -0.84 11.55
CA GLY A 104 14.67 -1.19 10.20
C GLY A 104 14.18 -0.18 9.20
N VAL A 105 14.94 -0.03 8.12
CA VAL A 105 14.60 0.90 7.05
C VAL A 105 13.35 0.49 6.27
N SER A 106 12.97 -0.79 6.34
CA SER A 106 11.73 -1.24 5.71
C SER A 106 10.50 -0.46 6.21
N VAL A 107 10.52 -0.08 7.48
CA VAL A 107 9.48 0.78 8.06
C VAL A 107 9.41 2.12 7.36
N VAL A 108 10.57 2.75 7.15
CA VAL A 108 10.65 4.04 6.47
C VAL A 108 10.11 3.93 5.05
N ASN A 109 10.50 2.86 4.36
CA ASN A 109 10.06 2.59 3.01
C ASN A 109 8.55 2.45 2.92
N ALA A 110 7.99 1.67 3.84
CA ALA A 110 6.54 1.45 3.91
C ALA A 110 5.75 2.74 4.10
N LEU A 111 6.30 3.66 4.87
CA LEU A 111 5.65 4.94 5.18
C LEU A 111 6.14 6.12 4.34
N SER A 112 6.81 5.84 3.24
CA SER A 112 7.26 6.87 2.32
C SER A 112 6.46 6.74 1.05
N GLN A 113 5.85 7.83 0.60
CA GLN A 113 5.16 7.82 -0.69
C GLN A 113 6.11 7.58 -1.88
N LYS A 114 7.39 7.93 -1.68
CA LYS A 114 8.44 7.61 -2.62
C LYS A 114 9.74 7.44 -1.87
N LEU A 115 10.55 6.49 -2.31
CA LEU A 115 11.89 6.28 -1.78
C LEU A 115 12.79 5.92 -2.92
N GLU A 116 13.91 6.62 -3.03
CA GLU A 116 14.86 6.39 -4.09
C GLU A 116 16.13 5.84 -3.47
N LEU A 117 16.64 4.75 -4.03
CA LEU A 117 17.83 4.07 -3.53
C LEU A 117 18.89 4.07 -4.60
N VAL A 118 20.12 4.43 -4.20
CA VAL A 118 21.27 4.42 -5.09
C VAL A 118 22.43 3.76 -4.37
N ILE A 119 22.99 2.72 -4.99
CA ILE A 119 24.11 1.98 -4.41
C ILE A 119 25.27 1.99 -5.37
N GLN A 120 26.42 2.45 -4.87
CA GLN A 120 27.66 2.44 -5.63
C GLN A 120 28.54 1.40 -5.03
N ARG A 121 28.84 0.38 -5.83
CA ARG A 121 29.54 -0.77 -5.33
C ARG A 121 30.11 -1.58 -6.48
N GLU A 122 31.33 -2.07 -6.27
CA GLU A 122 32.02 -2.93 -7.22
C GLU A 122 32.04 -2.40 -8.65
N GLY A 123 32.30 -1.10 -8.77
CA GLY A 123 32.44 -0.47 -10.06
C GLY A 123 31.16 -0.05 -10.77
N LYS A 124 30.00 -0.32 -10.16
CA LYS A 124 28.71 -0.05 -10.78
C LYS A 124 27.80 0.79 -9.89
N ILE A 125 26.92 1.54 -10.53
CA ILE A 125 25.88 2.32 -9.87
C ILE A 125 24.60 1.52 -10.04
N HIS A 126 23.87 1.32 -8.95
CA HIS A 126 22.60 0.61 -8.98
C HIS A 126 21.51 1.55 -8.50
N ARG A 127 20.33 1.50 -9.11
CA ARG A 127 19.21 2.34 -8.68
C ARG A 127 17.92 1.58 -8.55
N GLN A 128 17.09 2.03 -7.60
CA GLN A 128 15.76 1.50 -7.45
C GLN A 128 14.83 2.52 -6.83
N ILE A 129 13.58 2.49 -7.29
CA ILE A 129 12.52 3.37 -6.81
C ILE A 129 11.43 2.55 -6.18
N TYR A 130 10.95 3.03 -5.04
CA TYR A 130 9.81 2.48 -4.36
C TYR A 130 8.76 3.55 -4.20
N GLU A 131 7.50 3.12 -4.12
CA GLU A 131 6.38 3.99 -3.82
C GLU A 131 5.53 3.29 -2.81
N HIS A 132 5.41 3.87 -1.61
CA HIS A 132 4.69 3.26 -0.49
C HIS A 132 5.22 1.86 -0.15
N GLY A 133 6.54 1.69 -0.25
CA GLY A 133 7.19 0.40 0.00
C GLY A 133 7.15 -0.60 -1.13
N VAL A 134 6.58 -0.23 -2.26
CA VAL A 134 6.43 -1.15 -3.39
C VAL A 134 7.51 -0.85 -4.43
N PRO A 135 8.37 -1.83 -4.76
CA PRO A 135 9.38 -1.56 -5.77
C PRO A 135 8.76 -1.36 -7.13
N GLN A 136 9.22 -0.33 -7.84
CA GLN A 136 8.68 -0.01 -9.14
C GLN A 136 9.34 -0.85 -10.22
N ALA A 137 10.54 -1.30 -9.93
CA ALA A 137 11.26 -2.25 -10.77
C ALA A 137 12.35 -2.87 -9.92
N PRO A 138 12.96 -3.96 -10.41
CA PRO A 138 14.06 -4.53 -9.63
C PRO A 138 15.26 -3.61 -9.59
N LEU A 139 16.09 -3.78 -8.57
CA LEU A 139 17.34 -3.07 -8.47
C LEU A 139 18.12 -3.26 -9.77
N ALA A 140 18.58 -2.16 -10.35
CA ALA A 140 19.17 -2.22 -11.68
C ALA A 140 20.48 -1.46 -11.76
N VAL A 141 21.41 -2.01 -12.51
CA VAL A 141 22.69 -1.37 -12.77
C VAL A 141 22.48 -0.32 -13.85
N THR A 142 22.83 0.92 -13.55
CA THR A 142 22.61 2.04 -14.47
C THR A 142 23.87 2.68 -15.04
N GLY A 143 25.04 2.27 -14.57
CA GLY A 143 26.28 2.89 -15.00
C GLY A 143 27.45 2.43 -14.17
N GLU A 144 28.61 2.97 -14.49
CA GLU A 144 29.84 2.63 -13.82
C GLU A 144 30.31 3.77 -12.97
N THR A 145 31.13 3.44 -11.98
CA THR A 145 31.66 4.43 -11.07
C THR A 145 32.85 3.85 -10.35
N GLU A 146 33.70 4.73 -9.85
CA GLU A 146 34.82 4.32 -9.01
C GLU A 146 34.42 4.40 -7.55
N LYS A 147 33.37 5.17 -7.29
CA LYS A 147 32.94 5.47 -5.93
C LYS A 147 32.19 4.33 -5.31
N THR A 148 32.09 4.40 -3.99
CA THR A 148 31.33 3.44 -3.22
C THR A 148 30.45 4.20 -2.24
N GLY A 149 29.34 3.59 -1.85
CA GLY A 149 28.44 4.17 -0.88
C GLY A 149 27.00 3.89 -1.20
N THR A 150 26.14 4.36 -0.32
CA THR A 150 24.71 4.18 -0.44
C THR A 150 24.03 5.51 -0.22
N MET A 151 22.89 5.71 -0.89
CA MET A 151 22.10 6.91 -0.77
C MET A 151 20.64 6.53 -0.76
N VAL A 152 19.91 7.06 0.21
CA VAL A 152 18.47 6.90 0.29
C VAL A 152 17.85 8.27 0.39
N ARG A 153 16.89 8.56 -0.47
CA ARG A 153 16.12 9.79 -0.41
C ARG A 153 14.69 9.36 -0.27
N PHE A 154 13.99 9.91 0.71
CA PHE A 154 12.62 9.50 0.94
C PHE A 154 11.68 10.66 1.13
N TRP A 155 10.48 10.49 0.60
CA TRP A 155 9.42 11.47 0.66
C TRP A 155 8.39 10.86 1.59
N PRO A 156 8.26 11.39 2.82
CA PRO A 156 7.29 10.83 3.77
C PRO A 156 5.88 10.89 3.22
N SER A 157 5.13 9.83 3.45
CA SER A 157 3.77 9.76 2.97
C SER A 157 2.90 10.73 3.76
N LEU A 158 2.27 11.66 3.06
CA LEU A 158 1.35 12.61 3.70
C LEU A 158 -0.03 12.02 3.99
N GLU A 159 -0.25 10.79 3.55
CA GLU A 159 -1.41 9.99 3.96
C GLU A 159 -1.24 9.48 5.38
N THR A 160 0.02 9.32 5.79
CA THR A 160 0.37 8.85 7.12
C THR A 160 0.67 10.01 8.08
N PHE A 161 1.60 10.87 7.68
CA PHE A 161 2.05 11.94 8.56
C PHE A 161 1.18 13.17 8.42
N THR A 162 0.57 13.54 9.54
CA THR A 162 -0.38 14.63 9.57
C THR A 162 0.11 15.73 10.50
N ASN A 163 -0.52 16.89 10.38
CA ASN A 163 -0.23 18.10 11.18
C ASN A 163 1.21 18.59 10.96
N VAL A 164 2.18 17.95 11.61
CA VAL A 164 3.58 18.29 11.39
C VAL A 164 4.05 17.47 10.21
N THR A 165 4.20 18.14 9.08
CA THR A 165 4.63 17.46 7.86
C THR A 165 5.95 17.95 7.34
N GLU A 166 6.47 19.01 7.93
CA GLU A 166 7.71 19.59 7.46
C GLU A 166 8.78 19.32 8.48
N PHE A 167 9.97 18.99 8.00
CA PHE A 167 11.08 18.66 8.86
C PHE A 167 11.59 19.91 9.56
N GLU A 168 11.86 19.76 10.86
CA GLU A 168 12.45 20.81 11.65
C GLU A 168 13.94 20.53 11.77
N TYR A 169 14.73 21.46 11.24
CA TYR A 169 16.19 21.36 11.24
C TYR A 169 16.78 21.07 12.62
N GLU A 170 16.33 21.81 13.64
CA GLU A 170 16.91 21.65 14.98
C GLU A 170 16.66 20.28 15.60
N ILE A 171 15.55 19.67 15.23
CA ILE A 171 15.25 18.32 15.71
C ILE A 171 16.26 17.35 15.14
N LEU A 172 16.59 17.50 13.86
CA LEU A 172 17.59 16.66 13.23
C LEU A 172 18.97 16.94 13.79
N ALA A 173 19.33 18.22 13.85
CA ALA A 173 20.65 18.64 14.36
C ALA A 173 20.96 18.14 15.76
N LYS A 174 19.98 18.24 16.66
CA LYS A 174 20.15 17.80 18.04
C LYS A 174 20.53 16.32 18.12
N ARG A 175 19.76 15.49 17.43
CA ARG A 175 20.00 14.07 17.40
C ARG A 175 21.33 13.73 16.74
N LEU A 176 21.60 14.37 15.60
CA LEU A 176 22.84 14.10 14.86
C LEU A 176 24.07 14.49 15.67
N ARG A 177 23.96 15.54 16.46
CA ARG A 177 25.04 15.93 17.37
C ARG A 177 25.30 14.83 18.38
N GLU A 178 24.25 14.29 19.00
CA GLU A 178 24.41 13.22 19.98
C GLU A 178 25.08 12.01 19.34
N LEU A 179 24.66 11.69 18.12
CA LEU A 179 25.24 10.57 17.39
C LEU A 179 26.71 10.75 17.06
N SER A 180 27.12 11.97 16.79
CA SER A 180 28.53 12.25 16.47
C SER A 180 29.47 11.95 17.62
N PHE A 181 29.02 12.17 18.85
CA PHE A 181 29.84 11.83 20.02
C PHE A 181 29.95 10.33 20.20
N LEU A 182 28.83 9.64 20.03
CA LEU A 182 28.81 8.20 20.21
C LEU A 182 29.58 7.48 19.10
N ASN A 183 29.45 7.97 17.88
CA ASN A 183 30.14 7.41 16.73
C ASN A 183 31.26 8.37 16.36
N SER A 184 32.22 8.43 17.26
CA SER A 184 33.29 9.43 17.19
C SER A 184 34.18 9.48 15.94
N GLY A 185 34.33 8.38 15.21
CA GLY A 185 35.15 8.45 13.99
C GLY A 185 34.43 8.94 12.75
N VAL A 186 33.13 9.21 12.87
CA VAL A 186 32.28 9.47 11.72
C VAL A 186 31.96 10.94 11.61
N SER A 187 32.10 11.45 10.39
CA SER A 187 31.77 12.83 10.10
C SER A 187 30.32 12.88 9.67
N ILE A 188 29.55 13.80 10.25
CA ILE A 188 28.15 13.96 9.89
C ILE A 188 27.89 15.38 9.42
N ARG A 189 27.38 15.51 8.19
CA ARG A 189 27.03 16.81 7.66
C ARG A 189 25.52 16.92 7.52
N LEU A 190 24.98 18.05 7.93
CA LEU A 190 23.56 18.33 7.82
C LEU A 190 23.41 19.57 6.96
N ARG A 191 22.58 19.48 5.92
CA ARG A 191 22.32 20.61 5.02
C ARG A 191 20.83 20.81 4.86
N ASP A 192 20.41 22.07 4.88
CA ASP A 192 19.03 22.42 4.63
C ASP A 192 18.96 23.26 3.37
N LYS A 193 18.45 22.67 2.31
CA LYS A 193 18.34 23.36 1.02
C LYS A 193 17.20 24.38 0.96
N ARG A 194 16.34 24.41 1.98
CA ARG A 194 15.25 25.36 2.04
C ARG A 194 15.74 26.76 2.36
N ASP A 195 16.64 26.86 3.34
CA ASP A 195 17.20 28.15 3.77
C ASP A 195 18.72 28.22 3.83
N GLY A 196 19.38 27.17 3.35
CA GLY A 196 20.83 27.14 3.33
C GLY A 196 21.56 26.92 4.63
N LYS A 197 20.86 26.59 5.71
CA LYS A 197 21.52 26.33 6.98
C LYS A 197 22.28 25.01 6.90
N GLU A 198 23.46 24.96 7.51
CA GLU A 198 24.22 23.72 7.56
C GLU A 198 25.07 23.60 8.81
N ASP A 199 25.43 22.37 9.11
CA ASP A 199 26.25 22.06 10.27
C ASP A 199 27.14 20.89 9.93
N HIS A 200 28.20 20.74 10.71
CA HIS A 200 29.14 19.66 10.53
C HIS A 200 29.50 19.13 11.91
N PHE A 201 28.97 17.96 12.22
CA PHE A 201 29.24 17.30 13.49
C PHE A 201 30.32 16.27 13.30
N HIS A 202 31.42 16.45 14.02
CA HIS A 202 32.53 15.53 13.98
C HIS A 202 33.30 15.59 15.30
N TYR A 203 33.43 14.45 15.94
CA TYR A 203 34.12 14.33 17.22
C TYR A 203 35.48 13.69 17.02
N LEU B 1 -0.34 -8.64 0.84
CA LEU B 1 -0.74 -8.18 -0.54
C LEU B 1 0.37 -7.55 -1.38
N ASP B 2 1.58 -7.40 -0.83
CA ASP B 2 2.67 -6.78 -1.55
C ASP B 2 3.03 -7.48 -2.85
N ALA B 3 2.81 -8.79 -2.92
CA ALA B 3 3.04 -9.52 -4.18
C ALA B 3 2.16 -9.05 -5.33
N VAL B 4 0.92 -8.67 -5.03
CA VAL B 4 -0.01 -8.15 -6.04
C VAL B 4 0.39 -6.73 -6.41
N ARG B 5 0.73 -5.96 -5.39
CA ARG B 5 1.14 -4.58 -5.58
C ARG B 5 2.38 -4.49 -6.45
N LYS B 6 3.30 -5.44 -6.28
CA LYS B 6 4.53 -5.48 -7.06
C LYS B 6 4.30 -5.75 -8.56
N ARG B 7 3.35 -6.64 -8.87
CA ARG B 7 3.02 -6.99 -10.27
C ARG B 7 1.50 -7.10 -10.42
N PRO B 8 0.79 -5.96 -10.44
CA PRO B 8 -0.68 -6.00 -10.50
C PRO B 8 -1.22 -6.73 -11.71
N GLY B 9 -0.58 -6.52 -12.86
CA GLY B 9 -0.99 -7.14 -14.10
C GLY B 9 -1.03 -8.67 -14.11
N MET B 10 -0.15 -9.30 -13.34
CA MET B 10 -0.14 -10.77 -13.26
C MET B 10 -1.39 -11.32 -12.53
N TYR B 11 -1.99 -10.50 -11.66
CA TYR B 11 -3.16 -10.90 -10.88
C TYR B 11 -4.49 -10.46 -11.46
N ILE B 12 -4.57 -9.25 -11.99
CA ILE B 12 -5.85 -8.71 -12.48
C ILE B 12 -6.00 -8.68 -14.00
N GLY B 13 -4.90 -8.78 -14.73
CA GLY B 13 -4.94 -8.63 -16.18
C GLY B 13 -4.41 -7.26 -16.58
N ASP B 14 -4.64 -6.90 -17.83
CA ASP B 14 -4.09 -5.65 -18.37
C ASP B 14 -4.68 -4.43 -17.67
N THR B 15 -3.80 -3.63 -17.07
CA THR B 15 -4.23 -2.45 -16.31
C THR B 15 -4.33 -1.18 -17.15
N ASP B 16 -4.02 -1.29 -18.44
CA ASP B 16 -4.05 -0.14 -19.35
C ASP B 16 -5.19 -0.17 -20.39
N ASP B 17 -5.69 -1.35 -20.76
CA ASP B 17 -6.72 -1.43 -21.81
C ASP B 17 -8.18 -1.55 -21.33
N GLY B 18 -8.41 -1.47 -20.02
CA GLY B 18 -9.77 -1.57 -19.48
C GLY B 18 -10.21 -2.96 -19.07
N THR B 19 -9.51 -3.99 -19.55
CA THR B 19 -9.89 -5.37 -19.24
C THR B 19 -9.69 -5.67 -17.75
N GLY B 20 -8.54 -5.31 -17.20
CA GLY B 20 -8.29 -5.50 -15.77
C GLY B 20 -9.23 -4.70 -14.90
N LEU B 21 -9.53 -3.48 -15.33
CA LEU B 21 -10.45 -2.61 -14.61
C LEU B 21 -11.79 -3.27 -14.42
N HIS B 22 -12.32 -3.82 -15.50
CA HIS B 22 -13.61 -4.50 -15.45
C HIS B 22 -13.54 -5.86 -14.77
N HIS B 23 -12.38 -6.52 -14.84
CA HIS B 23 -12.16 -7.74 -14.07
C HIS B 23 -12.35 -7.52 -12.56
N MET B 24 -11.99 -6.32 -12.07
CA MET B 24 -12.22 -5.95 -10.64
C MET B 24 -13.67 -6.16 -10.25
N VAL B 25 -14.59 -5.64 -11.07
CA VAL B 25 -16.01 -5.77 -10.81
C VAL B 25 -16.44 -7.23 -10.82
N PHE B 26 -16.01 -7.96 -11.84
CA PHE B 26 -16.46 -9.34 -12.01
C PHE B 26 -15.95 -10.24 -10.91
N GLU B 27 -14.78 -9.94 -10.36
CA GLU B 27 -14.29 -10.69 -9.21
C GLU B 27 -15.21 -10.48 -8.02
N VAL B 28 -15.61 -9.24 -7.78
CA VAL B 28 -16.49 -8.94 -6.64
C VAL B 28 -17.85 -9.59 -6.87
N VAL B 29 -18.35 -9.52 -8.09
CA VAL B 29 -19.64 -10.11 -8.45
C VAL B 29 -19.64 -11.62 -8.22
N ASP B 30 -18.56 -12.29 -8.58
CA ASP B 30 -18.44 -13.74 -8.34
C ASP B 30 -18.63 -14.06 -6.86
N ASN B 31 -17.99 -13.30 -5.98
CA ASN B 31 -18.18 -13.49 -4.54
C ASN B 31 -19.61 -13.21 -4.11
N ALA B 32 -20.23 -12.20 -4.69
CA ALA B 32 -21.60 -11.82 -4.33
C ALA B 32 -22.60 -12.90 -4.73
N ILE B 33 -22.39 -13.48 -5.89
CA ILE B 33 -23.23 -14.56 -6.38
C ILE B 33 -23.14 -15.77 -5.47
N ASP B 34 -21.93 -16.10 -5.05
CA ASP B 34 -21.71 -17.20 -4.11
C ASP B 34 -22.46 -16.95 -2.81
N GLU B 35 -22.40 -15.70 -2.33
CA GLU B 35 -23.17 -15.32 -1.16
C GLU B 35 -24.66 -15.41 -1.41
N ALA B 36 -25.10 -14.90 -2.56
CA ALA B 36 -26.52 -14.90 -2.89
C ALA B 36 -27.08 -16.31 -3.02
N LEU B 37 -26.28 -17.22 -3.55
CA LEU B 37 -26.67 -18.59 -3.76
C LEU B 37 -26.89 -19.37 -2.49
N ALA B 38 -26.29 -18.92 -1.40
CA ALA B 38 -26.48 -19.62 -0.16
C ALA B 38 -27.73 -19.21 0.60
N GLY B 39 -28.44 -18.21 0.12
CA GLY B 39 -29.65 -17.74 0.73
C GLY B 39 -30.86 -18.15 -0.12
N HIS B 40 -32.05 -17.80 0.31
CA HIS B 40 -33.21 -18.18 -0.49
C HIS B 40 -33.77 -17.02 -1.35
N CYS B 41 -33.67 -15.80 -0.90
CA CYS B 41 -34.14 -14.66 -1.69
C CYS B 41 -33.29 -14.39 -2.90
N LYS B 42 -32.01 -14.39 -2.68
CA LYS B 42 -30.98 -14.26 -3.72
C LYS B 42 -31.12 -13.03 -4.62
N GLU B 43 -30.67 -11.89 -4.13
CA GLU B 43 -30.57 -10.70 -4.98
C GLU B 43 -29.23 -10.03 -4.80
N ILE B 44 -28.60 -9.68 -5.92
CA ILE B 44 -27.43 -8.82 -5.91
C ILE B 44 -27.75 -7.55 -6.70
N ILE B 45 -27.14 -6.45 -6.27
CA ILE B 45 -27.28 -5.17 -6.94
C ILE B 45 -25.89 -4.63 -7.21
N VAL B 46 -25.64 -4.32 -8.48
CA VAL B 46 -24.38 -3.74 -8.91
C VAL B 46 -24.69 -2.31 -9.31
N THR B 47 -23.97 -1.37 -8.72
CA THR B 47 -24.20 0.04 -8.98
C THR B 47 -22.91 0.71 -9.42
N ILE B 48 -23.01 1.46 -10.51
CA ILE B 48 -21.91 2.28 -10.97
C ILE B 48 -22.23 3.65 -10.41
N HIS B 49 -21.39 4.12 -9.51
CA HIS B 49 -21.65 5.40 -8.88
C HIS B 49 -21.10 6.51 -9.73
N ALA B 50 -21.54 7.73 -9.43
CA ALA B 50 -21.14 8.91 -10.18
C ALA B 50 -19.67 9.29 -10.02
N ASP B 51 -19.02 8.82 -8.95
CA ASP B 51 -17.60 9.08 -8.70
C ASP B 51 -16.68 7.97 -9.28
N ASN B 52 -17.24 7.20 -10.21
CA ASN B 52 -16.62 6.03 -10.81
C ASN B 52 -16.08 4.98 -9.84
N SER B 53 -16.83 4.79 -8.76
CA SER B 53 -16.71 3.63 -7.91
C SER B 53 -17.86 2.72 -8.28
N VAL B 54 -17.73 1.46 -7.88
CA VAL B 54 -18.75 0.45 -8.12
C VAL B 54 -19.02 -0.23 -6.79
N SER B 55 -20.30 -0.48 -6.51
CA SER B 55 -20.69 -1.23 -5.33
C SER B 55 -21.45 -2.47 -5.76
N VAL B 56 -21.22 -3.56 -5.05
CA VAL B 56 -21.90 -4.82 -5.28
C VAL B 56 -22.45 -5.22 -3.94
N GLN B 57 -23.74 -5.50 -3.87
CA GLN B 57 -24.35 -5.92 -2.62
C GLN B 57 -25.21 -7.13 -2.86
N ASP B 58 -25.31 -7.97 -1.83
CA ASP B 58 -26.17 -9.14 -1.85
C ASP B 58 -26.96 -9.16 -0.56
N ASP B 59 -28.07 -9.86 -0.60
CA ASP B 59 -28.91 -10.02 0.59
C ASP B 59 -28.76 -11.39 1.23
N GLY B 60 -27.57 -11.97 1.09
CA GLY B 60 -27.25 -13.28 1.66
C GLY B 60 -26.97 -13.23 3.15
N ARG B 61 -26.23 -14.22 3.63
CA ARG B 61 -26.00 -14.41 5.06
C ARG B 61 -25.09 -13.39 5.71
N GLY B 62 -24.29 -12.70 4.91
CA GLY B 62 -23.27 -11.81 5.43
C GLY B 62 -22.00 -12.60 5.63
N ILE B 63 -20.89 -12.11 5.10
CA ILE B 63 -19.63 -12.84 5.27
C ILE B 63 -19.22 -12.82 6.74
N PRO B 64 -18.48 -13.84 7.18
CA PRO B 64 -18.16 -13.97 8.61
C PRO B 64 -17.34 -12.80 9.15
N THR B 65 -17.62 -12.48 10.40
CA THR B 65 -17.07 -11.30 11.06
C THR B 65 -16.25 -11.57 12.31
N GLY B 66 -16.37 -12.77 12.87
CA GLY B 66 -15.66 -13.13 14.08
C GLY B 66 -14.16 -13.12 13.89
N ILE B 67 -13.46 -12.92 15.00
CA ILE B 67 -12.01 -12.86 14.99
C ILE B 67 -11.47 -14.24 14.64
N HIS B 68 -10.58 -14.27 13.65
CA HIS B 68 -9.88 -15.48 13.23
C HIS B 68 -8.89 -15.85 14.33
N PRO B 69 -8.93 -17.11 14.83
CA PRO B 69 -8.08 -17.45 15.98
C PRO B 69 -6.57 -17.28 15.79
N GLU B 70 -6.07 -17.55 14.60
CA GLU B 70 -4.64 -17.44 14.31
C GLU B 70 -4.24 -16.06 13.85
N GLU B 71 -5.01 -15.51 12.92
CA GLU B 71 -4.70 -14.21 12.33
C GLU B 71 -4.94 -13.05 13.31
N GLY B 72 -5.88 -13.22 14.23
CA GLY B 72 -6.13 -12.21 15.26
C GLY B 72 -6.89 -10.98 14.79
N VAL B 73 -7.53 -11.07 13.63
CA VAL B 73 -8.38 -10.02 13.12
C VAL B 73 -9.65 -10.69 12.63
N SER B 74 -10.66 -9.89 12.33
CA SER B 74 -11.92 -10.42 11.83
C SER B 74 -11.73 -11.26 10.57
N ALA B 75 -12.53 -12.31 10.45
CA ALA B 75 -12.52 -13.18 9.26
C ALA B 75 -12.63 -12.38 7.97
N ALA B 76 -13.51 -11.37 7.96
CA ALA B 76 -13.68 -10.49 6.81
C ALA B 76 -12.38 -9.80 6.41
N GLU B 77 -11.63 -9.31 7.39
CA GLU B 77 -10.33 -8.68 7.13
C GLU B 77 -9.31 -9.67 6.57
N VAL B 78 -9.34 -10.89 7.08
CA VAL B 78 -8.44 -11.94 6.58
C VAL B 78 -8.72 -12.17 5.11
N ILE B 79 -10.00 -12.28 4.76
CA ILE B 79 -10.41 -12.49 3.37
C ILE B 79 -9.95 -11.34 2.47
N MET B 80 -10.04 -10.14 2.99
CA MET B 80 -9.69 -8.92 2.26
C MET B 80 -8.20 -8.69 2.15
N THR B 81 -7.40 -9.29 3.03
CA THR B 81 -5.96 -8.94 3.10
C THR B 81 -4.97 -10.09 2.96
N VAL B 82 -5.47 -11.30 2.70
CA VAL B 82 -4.60 -12.45 2.52
C VAL B 82 -4.82 -13.00 1.12
N LEU B 83 -3.71 -13.25 0.44
CA LEU B 83 -3.74 -13.81 -0.91
C LEU B 83 -4.23 -15.25 -0.88
N GLY B 102 -11.15 -17.88 -9.63
CA GLY B 102 -11.06 -16.46 -9.35
C GLY B 102 -9.81 -16.10 -8.57
N VAL B 103 -9.45 -14.84 -8.64
CA VAL B 103 -8.18 -14.35 -8.08
C VAL B 103 -8.30 -13.94 -6.61
N GLY B 104 -9.54 -13.87 -6.10
CA GLY B 104 -9.81 -13.50 -4.73
C GLY B 104 -10.08 -12.01 -4.62
N VAL B 105 -10.95 -11.64 -3.69
CA VAL B 105 -11.31 -10.24 -3.49
C VAL B 105 -10.14 -9.40 -2.92
N SER B 106 -9.20 -10.06 -2.25
CA SER B 106 -8.01 -9.38 -1.76
C SER B 106 -7.19 -8.68 -2.86
N VAL B 107 -7.23 -9.24 -4.07
CA VAL B 107 -6.58 -8.59 -5.22
C VAL B 107 -7.29 -7.27 -5.52
N VAL B 108 -8.61 -7.28 -5.51
CA VAL B 108 -9.41 -6.08 -5.77
C VAL B 108 -9.13 -5.02 -4.71
N ASN B 109 -9.09 -5.46 -3.46
CA ASN B 109 -8.80 -4.58 -2.33
C ASN B 109 -7.43 -3.94 -2.49
N ALA B 110 -6.42 -4.77 -2.79
CA ALA B 110 -5.06 -4.28 -3.00
C ALA B 110 -4.97 -3.19 -4.06
N LEU B 111 -5.72 -3.38 -5.15
CA LEU B 111 -5.68 -2.45 -6.29
C LEU B 111 -6.79 -1.38 -6.27
N SER B 112 -7.43 -1.19 -5.13
CA SER B 112 -8.42 -0.15 -4.96
C SER B 112 -7.85 0.94 -4.08
N GLN B 113 -7.92 2.19 -4.52
CA GLN B 113 -7.49 3.30 -3.66
C GLN B 113 -8.37 3.46 -2.42
N LYS B 114 -9.61 3.02 -2.51
CA LYS B 114 -10.52 2.95 -1.38
C LYS B 114 -11.48 1.79 -1.56
N LEU B 115 -11.80 1.12 -0.47
CA LEU B 115 -12.80 0.05 -0.49
C LEU B 115 -13.57 0.10 0.82
N GLU B 116 -14.90 0.17 0.71
CA GLU B 116 -15.79 0.19 1.88
C GLU B 116 -16.51 -1.15 1.95
N LEU B 117 -16.52 -1.71 3.16
CA LEU B 117 -17.12 -2.99 3.43
C LEU B 117 -18.20 -2.81 4.46
N VAL B 118 -19.40 -3.30 4.15
CA VAL B 118 -20.53 -3.28 5.09
C VAL B 118 -21.13 -4.68 5.15
N ILE B 119 -21.16 -5.24 6.34
CA ILE B 119 -21.71 -6.58 6.55
C ILE B 119 -22.83 -6.53 7.58
N GLN B 120 -23.99 -7.05 7.19
CA GLN B 120 -25.13 -7.13 8.08
C GLN B 120 -25.35 -8.58 8.41
N ARG B 121 -25.26 -8.89 9.70
CA ARG B 121 -25.24 -10.26 10.14
C ARG B 121 -25.51 -10.32 11.63
N GLU B 122 -26.35 -11.27 12.03
CA GLU B 122 -26.71 -11.50 13.43
C GLU B 122 -27.27 -10.24 14.11
N GLY B 123 -28.07 -9.50 13.35
CA GLY B 123 -28.67 -8.27 13.83
C GLY B 123 -27.76 -7.07 13.98
N LYS B 124 -26.53 -7.16 13.46
CA LYS B 124 -25.55 -6.09 13.61
C LYS B 124 -24.99 -5.64 12.28
N ILE B 125 -24.71 -4.35 12.21
CA ILE B 125 -24.05 -3.75 11.06
C ILE B 125 -22.57 -3.63 11.37
N HIS B 126 -21.75 -4.18 10.48
CA HIS B 126 -20.30 -4.11 10.59
C HIS B 126 -19.77 -3.28 9.45
N ARG B 127 -18.89 -2.34 9.76
CA ARG B 127 -18.30 -1.45 8.75
C ARG B 127 -16.78 -1.39 8.84
N GLN B 128 -16.13 -1.36 7.69
CA GLN B 128 -14.67 -1.21 7.62
C GLN B 128 -14.29 -0.49 6.35
N ILE B 129 -13.20 0.28 6.41
CA ILE B 129 -12.67 1.02 5.27
C ILE B 129 -11.22 0.61 5.06
N TYR B 130 -10.87 0.45 3.78
CA TYR B 130 -9.52 0.16 3.35
C TYR B 130 -9.08 1.21 2.35
N GLU B 131 -7.78 1.45 2.30
CA GLU B 131 -7.17 2.28 1.26
C GLU B 131 -5.94 1.56 0.77
N HIS B 132 -5.92 1.26 -0.52
CA HIS B 132 -4.85 0.47 -1.15
C HIS B 132 -4.59 -0.86 -0.44
N GLY B 133 -5.67 -1.49 0.02
CA GLY B 133 -5.58 -2.76 0.72
C GLY B 133 -5.33 -2.69 2.21
N VAL B 134 -5.05 -1.49 2.72
CA VAL B 134 -4.71 -1.29 4.12
C VAL B 134 -5.96 -0.89 4.91
N PRO B 135 -6.32 -1.68 5.93
CA PRO B 135 -7.49 -1.32 6.73
C PRO B 135 -7.24 -0.06 7.54
N GLN B 136 -8.21 0.85 7.55
CA GLN B 136 -8.08 2.10 8.28
C GLN B 136 -8.40 1.96 9.77
N ALA B 137 -9.15 0.91 10.09
CA ALA B 137 -9.42 0.52 11.47
C ALA B 137 -9.93 -0.92 11.45
N PRO B 138 -10.03 -1.55 12.64
CA PRO B 138 -10.63 -2.88 12.68
C PRO B 138 -12.10 -2.84 12.35
N LEU B 139 -12.59 -3.95 11.83
CA LEU B 139 -14.01 -4.10 11.53
C LEU B 139 -14.79 -3.81 12.79
N ALA B 140 -15.76 -2.90 12.68
CA ALA B 140 -16.49 -2.38 13.83
C ALA B 140 -17.98 -2.58 13.69
N VAL B 141 -18.63 -2.96 14.79
CA VAL B 141 -20.08 -2.99 14.81
C VAL B 141 -20.53 -1.57 15.10
N THR B 142 -21.22 -0.98 14.14
CA THR B 142 -21.68 0.40 14.27
C THR B 142 -23.17 0.55 14.54
N GLY B 143 -23.94 -0.50 14.35
CA GLY B 143 -25.37 -0.41 14.56
C GLY B 143 -26.09 -1.72 14.53
N GLU B 144 -27.40 -1.64 14.41
CA GLU B 144 -28.25 -2.81 14.42
C GLU B 144 -29.00 -2.86 13.12
N THR B 145 -29.47 -4.04 12.78
CA THR B 145 -30.16 -4.22 11.53
C THR B 145 -31.06 -5.43 11.59
N GLU B 146 -32.11 -5.35 10.79
CA GLU B 146 -33.05 -6.43 10.61
C GLU B 146 -32.72 -7.24 9.36
N LYS B 147 -31.73 -6.78 8.59
CA LYS B 147 -31.34 -7.43 7.34
C LYS B 147 -30.02 -8.17 7.43
N THR B 148 -29.74 -8.94 6.38
CA THR B 148 -28.47 -9.64 6.23
C THR B 148 -27.92 -9.38 4.84
N GLY B 149 -26.61 -9.47 4.74
CA GLY B 149 -25.95 -9.28 3.45
C GLY B 149 -24.58 -8.69 3.59
N THR B 150 -23.96 -8.50 2.44
CA THR B 150 -22.62 -7.94 2.34
C THR B 150 -22.66 -6.90 1.25
N MET B 151 -21.91 -5.82 1.44
CA MET B 151 -21.77 -4.79 0.44
C MET B 151 -20.29 -4.41 0.37
N VAL B 152 -19.78 -4.32 -0.84
CA VAL B 152 -18.43 -3.86 -1.09
C VAL B 152 -18.52 -2.78 -2.13
N ARG B 153 -17.93 -1.62 -1.84
CA ARG B 153 -17.88 -0.53 -2.79
C ARG B 153 -16.43 -0.18 -2.93
N PHE B 154 -15.95 -0.14 -4.16
CA PHE B 154 -14.55 0.14 -4.38
C PHE B 154 -14.30 1.18 -5.44
N TRP B 155 -13.20 1.90 -5.23
CA TRP B 155 -12.71 2.93 -6.11
C TRP B 155 -11.41 2.37 -6.65
N PRO B 156 -11.38 2.03 -7.94
CA PRO B 156 -10.16 1.48 -8.54
C PRO B 156 -9.00 2.44 -8.40
N SER B 157 -7.82 1.91 -8.10
CA SER B 157 -6.67 2.77 -7.89
C SER B 157 -6.19 3.35 -9.20
N LEU B 158 -6.18 4.68 -9.26
CA LEU B 158 -5.71 5.41 -10.44
C LEU B 158 -4.19 5.44 -10.58
N GLU B 159 -3.48 4.93 -9.58
CA GLU B 159 -2.05 4.71 -9.67
C GLU B 159 -1.77 3.41 -10.42
N THR B 160 -2.74 2.50 -10.44
CA THR B 160 -2.60 1.22 -11.15
C THR B 160 -3.29 1.24 -12.50
N PHE B 161 -4.57 1.62 -12.50
CA PHE B 161 -5.37 1.60 -13.73
C PHE B 161 -5.21 2.91 -14.49
N THR B 162 -4.57 2.79 -15.65
CA THR B 162 -4.28 3.91 -16.53
C THR B 162 -5.10 3.80 -17.80
N ASN B 163 -5.13 4.91 -18.54
CA ASN B 163 -5.79 5.01 -19.85
C ASN B 163 -7.30 4.81 -19.77
N VAL B 164 -7.77 3.57 -19.60
CA VAL B 164 -9.19 3.28 -19.39
C VAL B 164 -9.43 3.25 -17.88
N THR B 165 -10.09 4.28 -17.35
CA THR B 165 -10.34 4.40 -15.91
C THR B 165 -11.81 4.52 -15.52
N GLU B 166 -12.71 4.50 -16.49
CA GLU B 166 -14.14 4.60 -16.25
C GLU B 166 -14.82 3.31 -16.69
N PHE B 167 -15.87 2.94 -15.97
CA PHE B 167 -16.59 1.70 -16.23
C PHE B 167 -17.57 1.85 -17.37
N GLU B 168 -17.61 0.84 -18.23
CA GLU B 168 -18.49 0.81 -19.39
C GLU B 168 -19.70 -0.03 -19.05
N TYR B 169 -20.87 0.61 -18.99
CA TYR B 169 -22.12 -0.05 -18.63
C TYR B 169 -22.38 -1.33 -19.45
N GLU B 170 -22.17 -1.23 -20.76
CA GLU B 170 -22.40 -2.34 -21.67
C GLU B 170 -21.57 -3.57 -21.33
N ILE B 171 -20.32 -3.37 -20.95
CA ILE B 171 -19.45 -4.48 -20.59
C ILE B 171 -19.98 -5.23 -19.38
N LEU B 172 -20.45 -4.47 -18.39
CA LEU B 172 -21.04 -5.06 -17.18
C LEU B 172 -22.37 -5.71 -17.46
N ALA B 173 -23.26 -5.02 -18.18
CA ALA B 173 -24.58 -5.56 -18.47
C ALA B 173 -24.54 -6.87 -19.26
N LYS B 174 -23.66 -6.95 -20.27
CA LYS B 174 -23.55 -8.17 -21.08
C LYS B 174 -23.17 -9.36 -20.22
N ARG B 175 -22.14 -9.18 -19.40
CA ARG B 175 -21.64 -10.24 -18.54
C ARG B 175 -22.64 -10.65 -17.46
N LEU B 176 -23.30 -9.68 -16.83
CA LEU B 176 -24.31 -9.98 -15.83
C LEU B 176 -25.49 -10.74 -16.43
N ARG B 177 -25.87 -10.39 -17.66
CA ARG B 177 -26.89 -11.14 -18.39
C ARG B 177 -26.46 -12.60 -18.56
N GLU B 178 -25.24 -12.81 -19.04
CA GLU B 178 -24.74 -14.19 -19.22
C GLU B 178 -24.73 -14.93 -17.89
N LEU B 179 -24.33 -14.23 -16.83
CA LEU B 179 -24.24 -14.83 -15.50
C LEU B 179 -25.60 -15.24 -14.94
N SER B 180 -26.64 -14.47 -15.24
CA SER B 180 -27.98 -14.78 -14.73
C SER B 180 -28.47 -16.16 -15.18
N PHE B 181 -28.14 -16.54 -16.41
CA PHE B 181 -28.56 -17.85 -16.93
C PHE B 181 -27.85 -19.03 -16.29
N LEU B 182 -26.63 -18.83 -15.82
CA LEU B 182 -25.92 -19.89 -15.09
C LEU B 182 -26.30 -19.98 -13.64
N ASN B 183 -26.90 -18.90 -13.13
CA ASN B 183 -27.22 -18.81 -11.72
C ASN B 183 -28.70 -18.62 -11.51
N SER B 184 -29.43 -19.72 -11.58
CA SER B 184 -30.88 -19.68 -11.48
C SER B 184 -31.41 -19.32 -10.11
N GLY B 185 -32.40 -18.43 -10.13
CA GLY B 185 -33.02 -17.93 -8.92
C GLY B 185 -32.39 -16.64 -8.45
N VAL B 186 -31.18 -16.32 -8.92
CA VAL B 186 -30.48 -15.13 -8.47
C VAL B 186 -30.92 -13.93 -9.30
N SER B 187 -31.48 -12.95 -8.61
CA SER B 187 -31.88 -11.70 -9.22
C SER B 187 -30.66 -10.81 -9.28
N ILE B 188 -30.38 -10.24 -10.45
CA ILE B 188 -29.23 -9.36 -10.61
C ILE B 188 -29.67 -8.02 -11.17
N ARG B 189 -29.46 -6.97 -10.39
CA ARG B 189 -29.77 -5.62 -10.79
C ARG B 189 -28.51 -4.83 -11.08
N LEU B 190 -28.56 -4.03 -12.14
CA LEU B 190 -27.47 -3.16 -12.54
C LEU B 190 -28.02 -1.75 -12.60
N ARG B 191 -27.37 -0.81 -11.92
CA ARG B 191 -27.80 0.58 -11.88
C ARG B 191 -26.61 1.48 -12.23
N ASP B 192 -26.83 2.43 -13.12
CA ASP B 192 -25.82 3.41 -13.46
C ASP B 192 -26.32 4.76 -12.99
N LYS B 193 -25.70 5.27 -11.92
CA LYS B 193 -26.07 6.56 -11.37
C LYS B 193 -25.52 7.75 -12.16
N ARG B 194 -24.69 7.49 -13.17
CA ARG B 194 -24.17 8.56 -13.98
C ARG B 194 -25.26 9.07 -14.91
N ASP B 195 -26.08 8.15 -15.43
CA ASP B 195 -27.16 8.52 -16.33
C ASP B 195 -28.55 7.96 -15.99
N GLY B 196 -28.68 7.26 -14.88
CA GLY B 196 -29.96 6.70 -14.48
C GLY B 196 -30.36 5.38 -15.12
N LYS B 197 -29.50 4.81 -15.98
CA LYS B 197 -29.83 3.54 -16.63
C LYS B 197 -29.91 2.39 -15.63
N GLU B 198 -30.88 1.49 -15.83
CA GLU B 198 -31.10 0.33 -15.01
C GLU B 198 -31.40 -0.90 -15.86
N ASP B 199 -31.00 -2.06 -15.36
CA ASP B 199 -31.36 -3.33 -15.96
C ASP B 199 -31.62 -4.33 -14.85
N HIS B 200 -32.36 -5.37 -15.19
CA HIS B 200 -32.67 -6.42 -14.24
C HIS B 200 -32.59 -7.75 -14.95
N PHE B 201 -31.61 -8.55 -14.52
CA PHE B 201 -31.35 -9.85 -15.10
C PHE B 201 -31.76 -10.89 -14.09
N HIS B 202 -32.80 -11.64 -14.42
CA HIS B 202 -33.27 -12.67 -13.53
C HIS B 202 -33.82 -13.82 -14.35
N TYR B 203 -33.13 -14.95 -14.27
CA TYR B 203 -33.54 -16.14 -14.98
C TYR B 203 -33.97 -17.16 -13.92
N GLU B 204 -35.22 -17.61 -14.00
CA GLU B 204 -35.79 -18.45 -12.95
C GLU B 204 -35.86 -19.94 -13.29
N GLY B 205 -34.93 -20.41 -14.13
CA GLY B 205 -34.88 -21.81 -14.52
C GLY B 205 -34.46 -22.71 -13.37
N GLY B 206 -34.82 -23.98 -13.47
CA GLY B 206 -34.51 -24.94 -12.42
C GLY B 206 -35.51 -24.90 -11.28
#